data_1R5N
#
_entry.id   1R5N
#
_cell.length_a   82.763
_cell.length_b   82.763
_cell.length_c   169.198
_cell.angle_alpha   90.00
_cell.angle_beta   90.00
_cell.angle_gamma   90.00
#
_symmetry.space_group_name_H-M   'P 43 21 2'
#
loop_
_entity.id
_entity.type
_entity.pdbx_description
1 polymer 'Eukaryotic peptide chain release factor GTP-binding subunit'
2 non-polymer "GUANOSINE-5'-DIPHOSPHATE"
3 water water
#
_entity_poly.entity_id   1
_entity_poly.type   'polypeptide(L)'
_entity_poly.pdbx_seq_one_letter_code
;SAPAAALKKAAEAAEPATVTEDATDLQNEVDQELLKDMYGKEHVNIVFIGHVDAGKSTLGGNILFLTGMVDKRTMEKIER
EAKEAGKESWYLSWALDSTSEEREKGKTVEVGRAYFETEHRRFSLLDAPGHKGYVTNMINGASQADIGVLVISARRGEFE
AGFERGGQTREHAVLARTQGINHLVVVINKMDEPSVQWSEERYKECVDKLSMFLRRVAGYNSKTDVKYMPVSAYTGQNVK
DRVDSSVCPWYQGPSLLEYLDSMTHLERKVNAPFIMPIASKYKDLGTILEGKIEAGSIKKNSNVLVMPINQTLEVTAIYD
EADEEISSSICGDQVRLRVRGDDSDVQTGYVLTSTKNPVHATTRFIAQIAILELPSILTTGYSCVMHIHTAVEEVSFAKL
LHKLDKTNRKSKKPPMFATKGMKIIAELETQTPVCMERFEDYQYMGRFTLRDQGTTVAVGKVVKILD
;
_entity_poly.pdbx_strand_id   A
#
# COMPACT_ATOMS: atom_id res chain seq x y z
N THR A 20 9.82 26.44 7.00
CA THR A 20 9.42 25.40 8.01
C THR A 20 8.76 24.18 7.35
N GLU A 21 8.26 24.33 6.13
CA GLU A 21 7.43 23.30 5.48
C GLU A 21 7.96 22.88 4.11
N ASP A 22 7.31 21.85 3.53
CA ASP A 22 7.66 21.31 2.22
C ASP A 22 6.44 21.43 1.30
N ALA A 23 6.61 22.13 0.18
CA ALA A 23 5.51 22.36 -0.77
C ALA A 23 5.03 21.08 -1.43
N THR A 24 5.98 20.39 -2.08
CA THR A 24 5.67 19.15 -2.81
C THR A 24 6.66 18.03 -2.48
N ASP A 25 6.15 16.87 -2.08
CA ASP A 25 6.98 15.70 -1.76
C ASP A 25 7.43 14.99 -3.04
N LEU A 26 8.18 15.68 -3.88
CA LEU A 26 8.41 15.23 -5.25
C LEU A 26 7.10 14.73 -5.89
N GLN A 27 6.03 15.49 -5.67
CA GLN A 27 4.79 15.35 -6.43
C GLN A 27 5.00 16.02 -7.78
N ASN A 28 6.23 16.49 -8.02
CA ASN A 28 6.70 16.92 -9.32
C ASN A 28 6.85 15.73 -10.27
N GLU A 29 6.43 14.56 -9.82
CA GLU A 29 6.39 13.35 -10.64
C GLU A 29 5.25 13.38 -11.65
N VAL A 30 4.38 14.39 -11.59
CA VAL A 30 3.29 14.56 -12.56
C VAL A 30 3.85 14.80 -13.97
N ASP A 31 2.96 14.93 -14.95
CA ASP A 31 3.33 15.17 -16.36
C ASP A 31 3.78 13.89 -17.06
N GLN A 32 3.06 13.53 -18.12
CA GLN A 32 3.29 12.31 -18.92
C GLN A 32 3.23 11.01 -18.11
N GLU A 33 2.26 10.15 -18.43
CA GLU A 33 2.13 8.83 -17.82
C GLU A 33 3.08 7.79 -18.46
N LEU A 34 4.37 8.06 -18.31
CA LEU A 34 5.46 7.12 -18.62
C LEU A 34 5.86 6.36 -17.36
N LEU A 35 5.10 6.60 -16.29
CA LEU A 35 5.27 5.95 -15.01
C LEU A 35 4.86 4.49 -15.13
N LYS A 36 5.75 3.69 -15.70
CA LYS A 36 5.42 2.34 -16.12
C LYS A 36 6.70 1.56 -16.31
N ASP A 37 6.64 0.24 -16.06
CA ASP A 37 7.78 -0.65 -16.24
C ASP A 37 8.86 -0.42 -15.18
N MET A 38 9.06 0.86 -14.81
CA MET A 38 9.99 1.26 -13.76
C MET A 38 9.24 1.51 -12.43
N TYR A 39 7.99 1.96 -12.51
CA TYR A 39 7.13 2.13 -11.32
C TYR A 39 6.00 1.13 -11.42
N GLY A 40 6.30 -0.14 -11.14
CA GLY A 40 5.28 -1.19 -11.19
C GLY A 40 4.19 -0.96 -10.14
N LYS A 41 3.14 -1.79 -10.21
CA LYS A 41 2.07 -1.75 -9.22
C LYS A 41 2.47 -2.43 -7.89
N GLU A 42 1.78 -2.06 -6.82
CA GLU A 42 2.06 -2.55 -5.48
C GLU A 42 1.69 -4.02 -5.28
N HIS A 43 2.66 -4.84 -4.90
CA HIS A 43 2.45 -6.26 -4.67
C HIS A 43 1.82 -6.51 -3.32
N VAL A 44 0.63 -7.11 -3.34
CA VAL A 44 -0.14 -7.38 -2.14
C VAL A 44 -0.48 -8.84 -2.14
N ASN A 45 -0.63 -9.42 -0.95
CA ASN A 45 -0.98 -10.82 -0.80
C ASN A 45 -2.32 -10.89 -0.14
N ILE A 46 -3.32 -11.39 -0.85
CA ILE A 46 -4.68 -11.51 -0.34
C ILE A 46 -5.03 -12.98 -0.25
N VAL A 47 -5.87 -13.34 0.69
CA VAL A 47 -6.36 -14.70 0.80
C VAL A 47 -7.87 -14.61 0.97
N PHE A 48 -8.59 -15.64 0.51
CA PHE A 48 -10.05 -15.68 0.63
C PHE A 48 -10.50 -16.84 1.52
N ILE A 49 -11.25 -16.51 2.57
CA ILE A 49 -11.76 -17.44 3.56
C ILE A 49 -13.28 -17.53 3.50
N GLY A 50 -13.82 -18.72 3.76
CA GLY A 50 -15.26 -18.89 3.74
C GLY A 50 -15.72 -20.34 3.69
N HIS A 51 -16.99 -20.52 4.03
CA HIS A 51 -17.65 -21.82 4.13
C HIS A 51 -17.73 -22.61 2.82
N VAL A 52 -18.33 -23.79 2.91
CA VAL A 52 -18.55 -24.71 1.79
C VAL A 52 -18.92 -24.04 0.47
N ASP A 53 -20.12 -23.49 0.38
CA ASP A 53 -20.66 -22.92 -0.85
C ASP A 53 -20.92 -21.42 -0.62
N ALA A 54 -19.98 -20.77 0.05
CA ALA A 54 -20.13 -19.36 0.40
C ALA A 54 -20.09 -18.45 -0.83
N GLY A 55 -19.34 -18.86 -1.86
CA GLY A 55 -19.17 -18.07 -3.07
C GLY A 55 -17.72 -17.79 -3.43
N LYS A 56 -16.78 -18.30 -2.63
CA LYS A 56 -15.34 -18.06 -2.84
C LYS A 56 -14.89 -18.22 -4.29
N SER A 57 -15.22 -19.34 -4.88
CA SER A 57 -14.74 -19.66 -6.22
C SER A 57 -15.34 -18.70 -7.23
N THR A 58 -16.65 -18.48 -7.16
CA THR A 58 -17.30 -17.56 -8.10
C THR A 58 -16.70 -16.17 -7.95
N LEU A 59 -16.60 -15.70 -6.70
CA LEU A 59 -16.07 -14.39 -6.42
C LEU A 59 -14.69 -14.23 -7.05
N GLY A 60 -13.83 -15.22 -6.82
CA GLY A 60 -12.50 -15.21 -7.38
C GLY A 60 -12.52 -15.13 -8.89
N GLY A 61 -13.20 -16.08 -9.52
CA GLY A 61 -13.29 -16.15 -10.97
C GLY A 61 -13.80 -14.86 -11.57
N ASN A 62 -14.87 -14.32 -11.00
CA ASN A 62 -15.50 -13.12 -11.54
C ASN A 62 -14.54 -11.95 -11.50
N ILE A 63 -13.72 -11.88 -10.44
CA ILE A 63 -12.72 -10.85 -10.29
C ILE A 63 -11.66 -10.98 -11.38
N LEU A 64 -11.17 -12.19 -11.63
CA LEU A 64 -10.19 -12.39 -12.70
C LEU A 64 -10.75 -11.96 -14.06
N PHE A 65 -12.04 -12.20 -14.27
CA PHE A 65 -12.68 -11.84 -15.55
C PHE A 65 -12.99 -10.37 -15.62
N LEU A 66 -13.75 -9.88 -14.65
CA LEU A 66 -14.10 -8.47 -14.52
C LEU A 66 -12.91 -7.54 -14.51
N THR A 67 -11.74 -8.07 -14.22
CA THR A 67 -10.53 -7.27 -14.05
C THR A 67 -9.58 -7.53 -15.21
N GLY A 68 -10.07 -8.20 -16.25
CA GLY A 68 -9.31 -8.43 -17.48
C GLY A 68 -8.21 -9.47 -17.44
N MET A 69 -7.96 -10.12 -16.32
CA MET A 69 -6.96 -11.19 -16.29
C MET A 69 -7.32 -12.35 -17.22
N VAL A 70 -8.59 -12.77 -17.22
CA VAL A 70 -8.99 -13.96 -17.97
C VAL A 70 -10.26 -13.77 -18.82
N ASP A 71 -10.41 -14.67 -19.78
CA ASP A 71 -11.57 -14.69 -20.68
C ASP A 71 -12.75 -15.42 -20.00
N LYS A 72 -13.91 -15.44 -20.68
CA LYS A 72 -15.09 -16.11 -20.15
C LYS A 72 -14.89 -17.59 -19.94
N ARG A 73 -14.31 -18.26 -20.95
CA ARG A 73 -14.07 -19.70 -20.85
C ARG A 73 -13.17 -20.06 -19.69
N THR A 74 -11.99 -19.44 -19.63
CA THR A 74 -11.08 -19.53 -18.48
C THR A 74 -11.81 -19.27 -17.16
N MET A 75 -12.56 -18.18 -17.11
CA MET A 75 -13.37 -17.91 -15.92
C MET A 75 -14.13 -19.17 -15.57
N GLU A 76 -14.91 -19.65 -16.53
CA GLU A 76 -15.81 -20.80 -16.31
C GLU A 76 -15.02 -22.06 -16.02
N LYS A 77 -13.84 -22.17 -16.63
CA LYS A 77 -12.97 -23.31 -16.40
C LYS A 77 -12.52 -23.32 -14.95
N ILE A 78 -11.89 -22.22 -14.54
CA ILE A 78 -11.39 -22.05 -13.17
C ILE A 78 -12.45 -22.38 -12.12
N GLU A 79 -13.63 -21.80 -12.29
CA GLU A 79 -14.68 -21.93 -11.28
C GLU A 79 -15.18 -23.37 -11.09
N ARG A 80 -15.24 -24.14 -12.18
CA ARG A 80 -15.72 -25.53 -12.12
C ARG A 80 -14.65 -26.52 -11.62
N GLU A 81 -13.38 -26.09 -11.70
CA GLU A 81 -12.24 -26.92 -11.31
C GLU A 81 -11.80 -26.69 -9.85
N ALA A 82 -12.08 -25.50 -9.32
CA ALA A 82 -11.88 -25.24 -7.89
C ALA A 82 -12.86 -26.09 -7.08
N LYS A 83 -14.01 -26.41 -7.69
CA LYS A 83 -15.00 -27.33 -7.10
C LYS A 83 -14.59 -28.78 -7.30
N ARG A 113 0.96 -18.85 -10.01
CA ARG A 113 0.24 -18.16 -8.94
C ARG A 113 -0.75 -17.18 -9.54
N ALA A 114 -2.03 -17.40 -9.28
CA ALA A 114 -3.06 -16.52 -9.79
C ALA A 114 -2.89 -15.13 -9.18
N TYR A 115 -3.34 -14.12 -9.91
CA TYR A 115 -3.27 -12.76 -9.42
C TYR A 115 -4.18 -11.85 -10.22
N PHE A 116 -4.71 -10.81 -9.59
CA PHE A 116 -5.49 -9.80 -10.28
C PHE A 116 -4.93 -8.41 -10.06
N GLU A 117 -5.40 -7.43 -10.83
CA GLU A 117 -4.88 -6.07 -10.73
C GLU A 117 -6.00 -5.07 -10.62
N THR A 118 -5.73 -4.01 -9.87
CA THR A 118 -6.58 -2.82 -9.82
C THR A 118 -5.70 -1.68 -10.32
N GLU A 119 -6.19 -0.44 -10.23
CA GLU A 119 -5.44 0.72 -10.74
C GLU A 119 -4.00 0.73 -10.21
N HIS A 120 -3.85 0.72 -8.87
CA HIS A 120 -2.56 0.91 -8.22
C HIS A 120 -1.93 -0.35 -7.62
N ARG A 121 -2.57 -1.51 -7.73
CA ARG A 121 -2.01 -2.72 -7.08
C ARG A 121 -2.17 -4.00 -7.88
N ARG A 122 -1.31 -4.96 -7.54
CA ARG A 122 -1.42 -6.34 -7.99
C ARG A 122 -1.59 -7.23 -6.78
N PHE A 123 -2.68 -7.97 -6.72
CA PHE A 123 -3.02 -8.85 -5.60
C PHE A 123 -2.74 -10.29 -5.97
N SER A 124 -2.02 -11.01 -5.13
CA SER A 124 -1.70 -12.41 -5.38
C SER A 124 -2.48 -13.33 -4.42
N LEU A 125 -3.38 -14.13 -4.97
CA LEU A 125 -4.21 -15.01 -4.15
C LEU A 125 -3.37 -16.12 -3.51
N LEU A 126 -3.58 -16.35 -2.23
CA LEU A 126 -2.84 -17.36 -1.48
C LEU A 126 -3.76 -18.50 -1.08
N ASP A 127 -3.17 -19.61 -0.68
CA ASP A 127 -3.92 -20.75 -0.14
C ASP A 127 -4.65 -20.44 1.18
N ALA A 128 -5.57 -21.31 1.57
CA ALA A 128 -6.40 -21.12 2.77
C ALA A 128 -5.78 -21.53 4.12
N PRO A 129 -5.28 -22.76 4.25
CA PRO A 129 -4.79 -23.25 5.55
C PRO A 129 -3.44 -22.66 5.96
N GLY A 141 7.86 -13.15 5.31
CA GLY A 141 8.02 -12.60 3.98
C GLY A 141 6.71 -12.66 3.20
N ALA A 142 6.80 -12.94 1.89
CA ALA A 142 5.62 -13.14 1.03
C ALA A 142 4.90 -14.48 1.30
N SER A 143 4.80 -14.85 2.59
CA SER A 143 4.05 -16.01 3.08
C SER A 143 2.83 -15.53 3.89
N GLN A 144 3.00 -14.38 4.52
CA GLN A 144 1.96 -13.70 5.28
C GLN A 144 0.95 -13.01 4.36
N ALA A 145 -0.33 -13.06 4.73
CA ALA A 145 -1.36 -12.27 4.05
C ALA A 145 -1.30 -10.79 4.48
N ASP A 146 -1.53 -9.91 3.52
CA ASP A 146 -1.75 -8.50 3.80
C ASP A 146 -3.22 -8.25 4.06
N ILE A 147 -4.07 -8.94 3.31
CA ILE A 147 -5.52 -8.85 3.43
C ILE A 147 -6.15 -10.25 3.58
N GLY A 148 -7.16 -10.33 4.43
CA GLY A 148 -7.94 -11.53 4.66
C GLY A 148 -9.41 -11.24 4.42
N VAL A 149 -9.99 -11.91 3.43
CA VAL A 149 -11.38 -11.68 3.08
C VAL A 149 -12.16 -12.87 3.53
N LEU A 150 -13.08 -12.66 4.47
CA LEU A 150 -14.07 -13.66 4.85
C LEU A 150 -15.30 -13.50 3.97
N VAL A 151 -15.71 -14.58 3.31
CA VAL A 151 -16.89 -14.60 2.44
C VAL A 151 -18.03 -15.30 3.17
N ILE A 152 -19.10 -14.55 3.43
CA ILE A 152 -20.28 -15.03 4.14
C ILE A 152 -21.51 -14.95 3.23
N SER A 153 -22.25 -16.03 3.09
CA SER A 153 -23.45 -16.02 2.25
C SER A 153 -24.64 -15.39 2.96
N ALA A 154 -25.33 -14.51 2.25
CA ALA A 154 -26.51 -13.81 2.78
C ALA A 154 -27.81 -14.59 2.56
N ARG A 155 -27.72 -15.77 1.96
CA ARG A 155 -28.91 -16.57 1.74
C ARG A 155 -29.47 -17.13 3.05
N ARG A 156 -30.80 -17.12 3.14
CA ARG A 156 -31.49 -17.67 4.30
C ARG A 156 -31.31 -19.19 4.33
N GLY A 157 -30.96 -19.71 5.52
CA GLY A 157 -30.56 -21.08 5.68
C GLY A 157 -29.05 -21.25 5.64
N GLU A 158 -28.40 -20.72 4.61
CA GLU A 158 -26.94 -20.86 4.47
C GLU A 158 -26.22 -20.00 5.52
N PHE A 159 -26.60 -18.72 5.59
CA PHE A 159 -26.04 -17.78 6.56
C PHE A 159 -26.06 -18.35 7.96
N GLU A 160 -27.26 -18.74 8.37
CA GLU A 160 -27.58 -19.16 9.72
C GLU A 160 -26.86 -20.46 10.05
N ALA A 161 -26.72 -21.31 9.04
CA ALA A 161 -26.04 -22.59 9.19
C ALA A 161 -24.67 -22.39 9.83
N GLY A 162 -23.96 -21.39 9.35
CA GLY A 162 -22.61 -21.08 9.82
C GLY A 162 -22.39 -20.98 11.33
N PHE A 163 -23.35 -20.40 12.05
CA PHE A 163 -23.18 -20.10 13.48
C PHE A 163 -23.71 -21.21 14.40
N GLU A 164 -23.61 -22.46 13.96
CA GLU A 164 -24.11 -23.59 14.75
C GLU A 164 -23.15 -24.78 14.73
N ARG A 165 -23.37 -25.71 15.67
CA ARG A 165 -22.56 -26.93 15.78
C ARG A 165 -21.97 -27.38 14.44
N GLY A 166 -22.83 -27.51 13.43
CA GLY A 166 -22.41 -27.94 12.11
C GLY A 166 -21.50 -26.91 11.43
N GLY A 167 -21.98 -25.67 11.37
CA GLY A 167 -21.26 -24.58 10.72
C GLY A 167 -19.86 -24.34 11.24
N GLN A 168 -19.02 -23.73 10.41
CA GLN A 168 -17.60 -23.55 10.71
C GLN A 168 -17.19 -22.07 10.74
N THR A 169 -18.14 -21.16 10.89
CA THR A 169 -17.83 -19.72 10.84
C THR A 169 -16.89 -19.29 11.97
N ARG A 170 -17.18 -19.72 13.20
CA ARG A 170 -16.29 -19.40 14.33
C ARG A 170 -14.88 -19.93 14.10
N GLU A 171 -14.78 -21.07 13.44
CA GLU A 171 -13.49 -21.67 13.07
C GLU A 171 -12.75 -20.72 12.11
N HIS A 172 -13.48 -20.22 11.12
CA HIS A 172 -12.97 -19.28 10.14
C HIS A 172 -12.45 -17.97 10.72
N ALA A 173 -13.14 -17.44 11.73
CA ALA A 173 -12.72 -16.20 12.38
C ALA A 173 -11.40 -16.41 13.14
N VAL A 174 -11.28 -17.59 13.73
CA VAL A 174 -10.10 -18.00 14.47
C VAL A 174 -8.97 -18.32 13.50
N LEU A 175 -9.31 -18.89 12.35
CA LEU A 175 -8.33 -19.20 11.33
C LEU A 175 -7.68 -17.90 10.92
N ALA A 176 -8.50 -16.93 10.54
CA ALA A 176 -8.03 -15.58 10.23
C ALA A 176 -7.07 -15.08 11.31
N ARG A 177 -7.57 -14.98 12.53
CA ARG A 177 -6.79 -14.52 13.68
C ARG A 177 -5.41 -15.18 13.77
N THR A 178 -5.38 -16.50 13.59
CA THR A 178 -4.14 -17.28 13.57
C THR A 178 -3.20 -16.87 12.42
N GLN A 179 -3.80 -16.55 11.27
CA GLN A 179 -3.08 -16.09 10.08
C GLN A 179 -2.58 -14.65 10.20
N GLY A 180 -2.89 -13.98 11.31
CA GLY A 180 -2.42 -12.63 11.57
C GLY A 180 -3.29 -11.54 10.97
N ILE A 181 -4.56 -11.84 10.67
CA ILE A 181 -5.49 -10.85 10.16
C ILE A 181 -6.11 -10.03 11.29
N ASN A 182 -5.68 -8.79 11.43
CA ASN A 182 -6.26 -7.90 12.44
C ASN A 182 -7.26 -6.88 11.86
N HIS A 183 -7.30 -6.78 10.54
CA HIS A 183 -8.32 -5.99 9.86
C HIS A 183 -8.99 -6.90 8.85
N LEU A 184 -10.08 -7.52 9.29
CA LEU A 184 -10.82 -8.49 8.50
C LEU A 184 -11.84 -7.85 7.55
N VAL A 185 -11.68 -8.09 6.26
CA VAL A 185 -12.65 -7.68 5.25
C VAL A 185 -13.72 -8.78 5.08
N VAL A 186 -14.96 -8.44 5.41
CA VAL A 186 -16.08 -9.37 5.38
C VAL A 186 -17.00 -9.00 4.21
N VAL A 187 -17.17 -9.91 3.28
CA VAL A 187 -18.03 -9.69 2.12
C VAL A 187 -19.33 -10.46 2.35
N ILE A 188 -20.45 -9.73 2.35
CA ILE A 188 -21.74 -10.36 2.47
C ILE A 188 -22.22 -10.71 1.09
N ASN A 189 -21.93 -11.94 0.66
CA ASN A 189 -22.24 -12.41 -0.70
C ASN A 189 -23.70 -12.88 -0.95
N LYS A 190 -24.09 -12.92 -2.22
CA LYS A 190 -25.39 -13.41 -2.68
C LYS A 190 -26.54 -12.49 -2.35
N MET A 191 -26.30 -11.17 -2.45
CA MET A 191 -27.34 -10.15 -2.23
C MET A 191 -28.40 -10.17 -3.34
N ASP A 192 -28.13 -10.91 -4.40
CA ASP A 192 -29.05 -11.05 -5.53
C ASP A 192 -29.98 -12.27 -5.39
N GLU A 193 -29.49 -13.33 -4.74
CA GLU A 193 -30.21 -14.61 -4.59
C GLU A 193 -31.63 -14.41 -4.04
N PRO A 194 -32.68 -14.80 -4.78
CA PRO A 194 -34.09 -14.56 -4.41
C PRO A 194 -34.48 -14.43 -2.92
N SER A 195 -33.93 -15.30 -2.06
CA SER A 195 -34.17 -15.26 -0.62
C SER A 195 -33.69 -13.95 0.01
N VAL A 196 -32.94 -13.20 -0.79
CA VAL A 196 -32.42 -11.89 -0.45
C VAL A 196 -32.30 -11.12 -1.76
N GLN A 197 -32.94 -9.95 -1.86
CA GLN A 197 -32.84 -9.14 -3.07
C GLN A 197 -32.38 -7.73 -2.71
N TRP A 198 -31.19 -7.63 -2.13
CA TRP A 198 -30.56 -6.37 -1.75
C TRP A 198 -31.39 -5.64 -0.70
N SER A 199 -31.99 -6.40 0.22
CA SER A 199 -32.77 -5.82 1.31
C SER A 199 -31.81 -5.30 2.36
N GLU A 200 -31.88 -4.00 2.63
CA GLU A 200 -31.08 -3.34 3.66
C GLU A 200 -31.26 -4.00 5.03
N GLU A 201 -32.33 -4.78 5.19
CA GLU A 201 -32.67 -5.39 6.47
C GLU A 201 -31.94 -6.71 6.60
N ARG A 202 -31.98 -7.51 5.55
CA ARG A 202 -31.19 -8.73 5.46
C ARG A 202 -29.73 -8.41 5.68
N TYR A 203 -29.29 -7.31 5.10
CA TYR A 203 -27.90 -6.89 5.18
C TYR A 203 -27.54 -6.56 6.61
N LYS A 204 -28.35 -5.71 7.23
CA LYS A 204 -28.17 -5.30 8.63
C LYS A 204 -28.26 -6.52 9.55
N GLU A 205 -29.13 -7.46 9.20
CA GLU A 205 -29.30 -8.64 10.02
C GLU A 205 -27.99 -9.41 10.07
N CYS A 206 -27.39 -9.60 8.90
CA CYS A 206 -26.17 -10.41 8.78
C CYS A 206 -25.00 -9.70 9.43
N VAL A 207 -24.86 -8.41 9.12
CA VAL A 207 -23.77 -7.58 9.64
C VAL A 207 -23.74 -7.47 11.17
N ASP A 208 -24.91 -7.46 11.81
CA ASP A 208 -25.01 -7.27 13.26
C ASP A 208 -24.71 -8.58 13.97
N LYS A 209 -25.22 -9.66 13.40
CA LYS A 209 -24.94 -10.99 13.92
C LYS A 209 -23.44 -11.20 13.84
N LEU A 210 -22.83 -10.86 12.71
CA LEU A 210 -21.39 -11.02 12.54
C LEU A 210 -20.62 -10.15 13.53
N SER A 211 -21.10 -8.93 13.77
CA SER A 211 -20.47 -8.01 14.71
C SER A 211 -20.32 -8.59 16.11
N MET A 212 -21.42 -9.00 16.70
CA MET A 212 -21.42 -9.62 18.01
C MET A 212 -20.56 -10.88 17.96
N PHE A 213 -20.84 -11.72 16.98
CA PHE A 213 -20.16 -13.00 16.80
C PHE A 213 -18.64 -12.91 16.75
N LEU A 214 -18.14 -12.04 15.87
CA LEU A 214 -16.71 -11.91 15.63
C LEU A 214 -15.99 -11.29 16.80
N ARG A 215 -16.65 -10.39 17.49
CA ARG A 215 -16.10 -9.81 18.71
C ARG A 215 -16.01 -10.89 19.74
N ARG A 216 -17.04 -11.71 19.83
CA ARG A 216 -17.15 -12.71 20.89
C ARG A 216 -16.16 -13.86 20.73
N VAL A 217 -16.06 -14.41 19.53
CA VAL A 217 -15.28 -15.64 19.29
C VAL A 217 -13.84 -15.37 18.85
N ALA A 218 -13.55 -14.14 18.42
CA ALA A 218 -12.18 -13.80 17.97
C ALA A 218 -11.74 -12.36 18.24
N GLY A 219 -12.52 -11.61 18.99
CA GLY A 219 -12.09 -10.31 19.45
C GLY A 219 -12.16 -9.16 18.47
N TYR A 220 -12.53 -9.44 17.22
CA TYR A 220 -12.65 -8.36 16.25
C TYR A 220 -13.58 -7.27 16.77
N ASN A 221 -13.14 -6.02 16.67
CA ASN A 221 -14.00 -4.89 17.00
C ASN A 221 -14.51 -4.34 15.69
N SER A 222 -15.80 -4.56 15.41
CA SER A 222 -16.36 -4.26 14.09
C SER A 222 -16.33 -2.76 13.72
N LYS A 223 -16.19 -1.88 14.70
CA LYS A 223 -16.16 -0.45 14.43
C LYS A 223 -14.87 -0.04 13.75
N THR A 224 -13.76 -0.69 14.09
CA THR A 224 -12.45 -0.26 13.64
C THR A 224 -11.57 -1.36 13.04
N ASP A 225 -12.11 -2.58 12.96
CA ASP A 225 -11.34 -3.71 12.47
C ASP A 225 -11.96 -4.30 11.22
N VAL A 226 -13.27 -4.52 11.24
CA VAL A 226 -13.94 -5.21 10.15
C VAL A 226 -14.63 -4.23 9.21
N LYS A 227 -14.44 -4.43 7.90
CA LYS A 227 -15.14 -3.67 6.87
C LYS A 227 -16.15 -4.62 6.26
N TYR A 228 -17.44 -4.27 6.30
CA TYR A 228 -18.47 -5.13 5.74
C TYR A 228 -18.86 -4.61 4.36
N MET A 229 -19.20 -5.51 3.45
CA MET A 229 -19.55 -5.10 2.11
C MET A 229 -20.49 -6.07 1.43
N PRO A 230 -21.59 -5.54 0.89
CA PRO A 230 -22.54 -6.36 0.14
C PRO A 230 -22.06 -6.57 -1.28
N VAL A 231 -22.11 -7.80 -1.79
CA VAL A 231 -21.78 -8.04 -3.19
C VAL A 231 -22.59 -9.18 -3.79
N SER A 232 -22.49 -9.30 -5.11
CA SER A 232 -23.02 -10.43 -5.85
C SER A 232 -21.90 -10.98 -6.71
N ALA A 233 -21.25 -12.02 -6.22
CA ALA A 233 -20.16 -12.66 -6.95
C ALA A 233 -20.62 -13.21 -8.30
N TYR A 234 -21.90 -13.55 -8.39
CA TYR A 234 -22.48 -14.17 -9.58
C TYR A 234 -22.72 -13.11 -10.65
N THR A 235 -23.39 -12.02 -10.30
CA THR A 235 -23.66 -10.96 -11.28
C THR A 235 -22.54 -9.93 -11.39
N GLY A 236 -21.61 -9.95 -10.44
CA GLY A 236 -20.55 -8.95 -10.35
C GLY A 236 -20.96 -7.59 -9.77
N GLN A 237 -22.12 -7.52 -9.14
CA GLN A 237 -22.63 -6.22 -8.69
C GLN A 237 -21.93 -5.83 -7.38
N ASN A 238 -21.24 -4.71 -7.44
CA ASN A 238 -20.42 -4.20 -6.34
C ASN A 238 -19.11 -4.96 -6.18
N VAL A 239 -18.53 -5.42 -7.28
CA VAL A 239 -17.23 -6.10 -7.28
C VAL A 239 -16.21 -5.20 -7.94
N LYS A 240 -16.38 -4.89 -9.22
CA LYS A 240 -15.52 -3.89 -9.87
C LYS A 240 -16.16 -2.54 -9.75
N ASP A 241 -17.40 -2.43 -10.18
CA ASP A 241 -18.13 -1.17 -10.12
C ASP A 241 -19.13 -1.19 -9.01
N ARG A 242 -19.38 -0.03 -8.41
CA ARG A 242 -20.37 0.14 -7.34
C ARG A 242 -21.71 -0.36 -7.82
N VAL A 243 -22.56 -0.82 -6.91
CA VAL A 243 -23.91 -1.21 -7.30
C VAL A 243 -24.69 0.02 -7.70
N ASP A 244 -25.49 -0.14 -8.74
CA ASP A 244 -26.30 0.95 -9.26
C ASP A 244 -27.41 1.25 -8.26
N SER A 245 -27.79 2.52 -8.18
CA SER A 245 -28.82 2.97 -7.22
C SER A 245 -30.16 2.30 -7.51
N SER A 246 -30.45 2.10 -8.79
CA SER A 246 -31.66 1.41 -9.22
C SER A 246 -31.76 -0.01 -8.64
N VAL A 247 -30.61 -0.65 -8.40
CA VAL A 247 -30.56 -1.99 -7.81
C VAL A 247 -30.53 -1.98 -6.26
N CYS A 248 -29.77 -1.05 -5.68
CA CYS A 248 -29.59 -0.96 -4.23
C CYS A 248 -29.46 0.52 -3.83
N PRO A 249 -30.60 1.20 -3.74
CA PRO A 249 -30.63 2.62 -3.35
C PRO A 249 -29.88 3.01 -2.07
N TRP A 250 -29.56 2.05 -1.19
CA TRP A 250 -29.08 2.38 0.15
C TRP A 250 -27.57 2.31 0.38
N TYR A 251 -26.87 1.41 -0.32
CA TYR A 251 -25.43 1.30 -0.15
C TYR A 251 -24.74 2.62 -0.49
N GLN A 252 -23.89 3.11 0.41
CA GLN A 252 -23.20 4.38 0.19
C GLN A 252 -21.74 4.22 -0.30
N GLY A 253 -21.03 3.20 0.21
CA GLY A 253 -19.59 3.07 0.01
C GLY A 253 -19.08 2.73 -1.38
N PRO A 254 -17.85 2.21 -1.45
CA PRO A 254 -17.25 1.74 -2.71
C PRO A 254 -17.48 0.27 -3.05
N SER A 255 -17.09 -0.12 -4.25
CA SER A 255 -17.06 -1.54 -4.63
C SER A 255 -15.97 -2.28 -3.88
N LEU A 256 -15.90 -3.59 -4.09
CA LEU A 256 -14.91 -4.42 -3.42
C LEU A 256 -13.48 -4.07 -3.87
N LEU A 257 -13.30 -3.94 -5.19
CA LEU A 257 -11.98 -3.66 -5.74
C LEU A 257 -11.55 -2.21 -5.50
N GLU A 258 -12.52 -1.30 -5.48
CA GLU A 258 -12.25 0.10 -5.14
C GLU A 258 -11.63 0.15 -3.76
N TYR A 259 -12.27 -0.53 -2.81
CA TYR A 259 -11.79 -0.59 -1.43
C TYR A 259 -10.46 -1.30 -1.40
N LEU A 260 -10.33 -2.41 -2.12
CA LEU A 260 -9.10 -3.20 -2.11
C LEU A 260 -7.89 -2.42 -2.67
N ASP A 261 -8.13 -1.61 -3.70
CA ASP A 261 -7.15 -0.73 -4.34
C ASP A 261 -6.66 0.44 -3.49
N SER A 262 -7.50 0.93 -2.59
CA SER A 262 -7.16 2.12 -1.79
C SER A 262 -6.86 1.77 -0.33
N MET A 263 -7.55 0.75 0.16
CA MET A 263 -7.47 0.25 1.54
C MET A 263 -6.05 0.31 2.06
N THR A 264 -5.93 0.85 3.26
CA THR A 264 -4.66 1.22 3.85
C THR A 264 -4.02 0.13 4.74
N HIS A 265 -4.83 -0.62 5.49
CA HIS A 265 -4.32 -1.64 6.45
C HIS A 265 -3.81 -2.90 5.75
N LEU A 266 -2.55 -2.91 5.38
CA LEU A 266 -1.95 -4.10 4.76
C LEU A 266 -1.06 -4.76 5.79
N GLU A 267 -1.50 -5.90 6.30
CA GLU A 267 -0.80 -6.56 7.41
C GLU A 267 0.73 -6.50 7.39
N ARG A 268 1.37 -6.97 6.32
CA ARG A 268 2.83 -7.03 6.28
C ARG A 268 3.46 -5.64 6.46
N LYS A 269 2.79 -4.64 5.91
CA LYS A 269 3.28 -3.27 6.00
C LYS A 269 3.04 -2.65 7.39
N VAL A 270 1.85 -2.85 7.97
CA VAL A 270 1.55 -2.41 9.33
C VAL A 270 2.58 -2.99 10.30
N ASN A 271 2.98 -4.24 10.05
CA ASN A 271 3.89 -4.99 10.92
C ASN A 271 5.36 -4.77 10.62
N ALA A 272 5.66 -4.07 9.53
CA ALA A 272 7.02 -3.74 9.17
C ALA A 272 7.56 -2.69 10.15
N PRO A 273 8.86 -2.39 10.07
CA PRO A 273 9.40 -1.34 10.94
C PRO A 273 8.83 0.02 10.55
N PHE A 274 8.70 0.92 11.51
CA PHE A 274 8.14 2.25 11.30
C PHE A 274 9.05 3.08 10.42
N ILE A 275 8.43 3.81 9.48
CA ILE A 275 9.07 4.74 8.56
C ILE A 275 8.09 5.90 8.22
N MET A 276 8.50 7.13 8.49
CA MET A 276 7.71 8.33 8.19
C MET A 276 8.68 9.46 7.84
N PRO A 277 8.85 9.73 6.56
CA PRO A 277 9.63 10.89 6.13
C PRO A 277 9.04 12.19 6.71
N ILE A 278 9.91 13.04 7.25
CA ILE A 278 9.51 14.29 7.85
C ILE A 278 9.24 15.25 6.71
N ALA A 279 8.01 15.73 6.61
CA ALA A 279 7.58 16.62 5.55
C ALA A 279 7.48 18.07 6.00
N SER A 280 7.32 18.29 7.31
CA SER A 280 7.26 19.64 7.83
C SER A 280 7.66 19.66 9.29
N LYS A 281 8.49 20.64 9.64
CA LYS A 281 8.83 20.93 11.03
C LYS A 281 8.22 22.29 11.34
N TYR A 282 7.44 22.38 12.41
CA TYR A 282 6.93 23.67 12.89
C TYR A 282 6.51 23.65 14.35
N LYS A 283 6.44 24.82 14.96
CA LYS A 283 6.20 24.89 16.41
C LYS A 283 4.72 24.84 16.76
N ASP A 284 4.47 24.62 18.06
CA ASP A 284 3.13 24.56 18.67
C ASP A 284 3.32 24.51 20.20
N LEU A 285 2.99 23.40 20.86
CA LEU A 285 3.33 23.22 22.27
C LEU A 285 4.75 22.62 22.37
N GLY A 286 5.62 23.03 21.44
CA GLY A 286 6.87 22.35 21.17
C GLY A 286 6.98 22.09 19.68
N THR A 287 7.91 21.23 19.27
CA THR A 287 8.13 20.98 17.84
C THR A 287 7.22 19.89 17.31
N ILE A 288 6.81 20.08 16.06
CA ILE A 288 5.84 19.22 15.40
C ILE A 288 6.44 18.66 14.11
N LEU A 289 6.94 17.43 14.20
CA LEU A 289 7.37 16.69 13.02
C LEU A 289 6.12 16.04 12.44
N GLU A 290 5.97 16.09 11.12
CA GLU A 290 4.78 15.56 10.47
C GLU A 290 4.98 15.04 9.06
N GLY A 291 4.19 14.03 8.71
CA GLY A 291 4.18 13.48 7.35
C GLY A 291 3.32 12.25 7.22
N LYS A 292 3.45 11.56 6.09
CA LYS A 292 2.74 10.32 5.84
C LYS A 292 3.51 9.13 6.39
N ILE A 293 2.86 8.27 7.18
CA ILE A 293 3.51 7.05 7.65
C ILE A 293 3.57 6.08 6.47
N GLU A 294 4.79 5.68 6.09
CA GLU A 294 5.01 4.85 4.90
C GLU A 294 5.10 3.38 5.22
N ALA A 295 5.37 3.06 6.46
CA ALA A 295 5.35 1.68 6.93
C ALA A 295 5.35 1.69 8.44
N GLY A 296 4.82 0.60 9.00
CA GLY A 296 4.82 0.37 10.44
C GLY A 296 3.67 1.08 11.11
N SER A 297 3.78 1.28 12.41
CA SER A 297 2.76 1.95 13.19
C SER A 297 3.45 2.75 14.26
N ILE A 298 2.76 3.77 14.75
CA ILE A 298 3.29 4.57 15.84
C ILE A 298 2.26 4.67 16.96
N LYS A 299 2.75 4.47 18.19
CA LYS A 299 1.93 4.52 19.38
C LYS A 299 2.08 5.90 20.02
N LYS A 300 2.17 5.95 21.35
CA LYS A 300 2.37 7.20 22.04
C LYS A 300 3.26 7.00 23.25
N ASN A 301 4.06 8.02 23.52
CA ASN A 301 5.08 7.98 24.57
C ASN A 301 6.00 6.80 24.28
N SER A 302 6.33 6.69 23.00
CA SER A 302 7.20 5.63 22.46
C SER A 302 8.30 6.29 21.61
N ASN A 303 9.52 5.79 21.76
CA ASN A 303 10.69 6.43 21.14
C ASN A 303 10.89 6.10 19.66
N VAL A 304 11.05 7.14 18.86
CA VAL A 304 11.42 6.99 17.45
C VAL A 304 12.88 7.34 17.24
N LEU A 305 13.45 6.86 16.14
CA LEU A 305 14.82 7.22 15.76
C LEU A 305 14.80 8.19 14.59
N VAL A 306 15.64 9.20 14.64
CA VAL A 306 15.78 10.14 13.53
C VAL A 306 17.00 9.72 12.75
N MET A 307 16.82 9.37 11.49
CA MET A 307 17.94 9.14 10.57
C MET A 307 17.96 10.25 9.54
N PRO A 308 19.11 10.53 8.94
CA PRO A 308 20.35 9.76 9.06
C PRO A 308 21.21 10.04 10.29
N ILE A 309 20.85 11.04 11.10
CA ILE A 309 21.68 11.47 12.23
C ILE A 309 21.79 10.44 13.39
N ASN A 310 20.90 9.47 13.43
CA ASN A 310 20.91 8.47 14.49
C ASN A 310 20.63 9.03 15.89
N GLN A 311 19.74 10.01 15.96
CA GLN A 311 19.38 10.65 17.22
C GLN A 311 18.00 10.16 17.67
N THR A 312 17.87 9.89 18.97
CA THR A 312 16.61 9.40 19.55
C THR A 312 15.69 10.56 19.96
N LEU A 313 14.39 10.28 20.02
CA LEU A 313 13.36 11.23 20.40
C LEU A 313 12.15 10.45 20.94
N GLU A 314 11.14 11.17 21.46
CA GLU A 314 9.99 10.51 22.09
C GLU A 314 8.69 11.17 21.65
N VAL A 315 7.83 10.39 20.99
CA VAL A 315 6.49 10.86 20.61
C VAL A 315 5.64 11.09 21.86
N THR A 316 4.83 12.15 21.84
CA THR A 316 3.99 12.54 22.99
C THR A 316 2.55 12.85 22.59
N ALA A 317 2.35 13.24 21.33
CA ALA A 317 1.02 13.48 20.81
C ALA A 317 0.93 13.12 19.33
N ILE A 318 -0.20 12.54 18.92
CA ILE A 318 -0.46 12.28 17.51
C ILE A 318 -1.74 13.01 17.12
N TYR A 319 -1.64 13.84 16.10
CA TYR A 319 -2.76 14.65 15.63
C TYR A 319 -3.06 14.25 14.20
N ASP A 320 -4.33 13.90 13.93
CA ASP A 320 -4.73 13.53 12.58
C ASP A 320 -4.84 14.79 11.70
N GLU A 321 -5.38 14.64 10.49
CA GLU A 321 -5.60 15.79 9.59
C GLU A 321 -6.72 16.72 10.08
N ALA A 322 -7.47 16.27 11.09
CA ALA A 322 -8.45 17.10 11.79
C ALA A 322 -8.00 17.38 13.24
N ASP A 323 -6.69 17.57 13.42
CA ASP A 323 -6.05 17.89 14.70
C ASP A 323 -6.81 17.40 15.94
N GLU A 324 -6.81 16.08 16.14
CA GLU A 324 -7.41 15.43 17.31
C GLU A 324 -6.37 14.51 17.93
N GLU A 325 -6.16 14.62 19.23
CA GLU A 325 -5.08 13.89 19.92
C GLU A 325 -5.35 12.37 20.05
N ILE A 326 -5.18 11.64 18.95
CA ILE A 326 -5.34 10.18 18.94
C ILE A 326 -4.20 9.49 19.67
N SER A 327 -4.33 8.19 19.91
CA SER A 327 -3.29 7.43 20.61
C SER A 327 -2.37 6.64 19.65
N SER A 328 -2.78 6.50 18.39
CA SER A 328 -1.98 5.76 17.40
C SER A 328 -2.49 5.86 15.96
N SER A 329 -1.55 5.75 15.02
CA SER A 329 -1.87 5.63 13.59
C SER A 329 -0.97 4.55 12.95
N ILE A 330 -1.32 4.14 11.74
CA ILE A 330 -0.59 3.09 11.02
C ILE A 330 -0.06 3.65 9.71
N CYS A 331 0.61 2.81 8.93
CA CYS A 331 1.03 3.23 7.61
C CYS A 331 -0.16 3.68 6.78
N GLY A 332 0.07 4.65 5.90
CA GLY A 332 -0.96 5.20 5.04
C GLY A 332 -1.55 6.48 5.59
N ASP A 333 -1.47 6.68 6.90
CA ASP A 333 -2.06 7.85 7.55
C ASP A 333 -1.14 9.07 7.44
N GLN A 334 -1.75 10.25 7.32
CA GLN A 334 -1.03 11.53 7.27
C GLN A 334 -1.12 12.22 8.63
N VAL A 335 -0.15 12.03 9.50
CA VAL A 335 -0.23 12.54 10.87
C VAL A 335 0.74 13.67 11.20
N ARG A 336 0.58 14.23 12.40
CA ARG A 336 1.41 15.33 12.91
C ARG A 336 1.80 14.96 14.32
N LEU A 337 3.09 14.70 14.53
CA LEU A 337 3.56 14.22 15.82
C LEU A 337 4.17 15.37 16.59
N ARG A 338 4.50 15.12 17.84
CA ARG A 338 5.20 16.08 18.69
C ARG A 338 6.11 15.31 19.60
N VAL A 339 7.32 15.82 19.82
CA VAL A 339 8.31 15.05 20.54
C VAL A 339 9.22 15.82 21.50
N ARG A 340 9.72 15.11 22.49
CA ARG A 340 10.67 15.59 23.47
C ARG A 340 12.05 15.05 23.10
N GLY A 341 13.05 15.91 23.13
CA GLY A 341 14.42 15.54 22.84
C GLY A 341 15.13 16.57 21.98
N ASP A 342 16.45 16.47 21.96
CA ASP A 342 17.29 17.39 21.20
C ASP A 342 17.05 17.26 19.70
N ASP A 343 16.15 18.10 19.20
CA ASP A 343 15.84 18.17 17.77
C ASP A 343 16.54 19.37 17.12
N SER A 344 17.75 19.64 17.60
CA SER A 344 18.56 20.74 17.09
C SER A 344 19.09 20.45 15.70
N ASP A 345 19.34 19.16 15.41
CA ASP A 345 19.84 18.74 14.11
C ASP A 345 18.74 18.18 13.19
N VAL A 346 17.53 18.08 13.72
CA VAL A 346 16.42 17.52 12.94
C VAL A 346 16.00 18.50 11.85
N GLN A 347 15.69 17.97 10.67
CA GLN A 347 15.23 18.79 9.55
C GLN A 347 14.30 17.97 8.64
N THR A 348 13.50 18.64 7.79
CA THR A 348 12.63 17.89 6.89
C THR A 348 13.52 17.14 5.92
N GLY A 349 13.00 16.05 5.36
CA GLY A 349 13.78 15.17 4.51
C GLY A 349 14.25 13.93 5.25
N TYR A 350 14.68 14.14 6.49
CA TYR A 350 15.02 13.05 7.39
C TYR A 350 13.81 12.17 7.68
N VAL A 351 14.05 10.96 8.17
CA VAL A 351 13.01 9.95 8.35
C VAL A 351 12.92 9.47 9.78
N LEU A 352 11.75 9.65 10.38
CA LEU A 352 11.44 9.05 11.67
C LEU A 352 11.20 7.56 11.50
N THR A 353 11.82 6.75 12.34
CA THR A 353 11.80 5.32 12.13
C THR A 353 11.91 4.50 13.42
N SER A 354 11.75 3.19 13.30
CA SER A 354 11.89 2.29 14.45
C SER A 354 13.33 2.26 14.94
N THR A 355 13.53 2.17 16.25
CA THR A 355 14.87 2.11 16.82
C THR A 355 15.55 0.75 16.67
N LYS A 356 14.78 -0.27 16.29
CA LYS A 356 15.30 -1.62 16.11
C LYS A 356 15.73 -1.91 14.68
N ASN A 357 14.81 -1.79 13.72
CA ASN A 357 15.17 -1.88 12.30
C ASN A 357 14.89 -0.56 11.62
N PRO A 358 15.77 0.42 11.80
CA PRO A 358 15.56 1.73 11.17
C PRO A 358 15.65 1.68 9.64
N VAL A 359 15.01 2.65 8.99
CA VAL A 359 15.12 2.83 7.56
C VAL A 359 16.61 2.93 7.28
N HIS A 360 17.00 2.59 6.06
CA HIS A 360 18.39 2.68 5.65
C HIS A 360 18.74 4.09 5.25
N ALA A 361 20.04 4.37 5.29
CA ALA A 361 20.61 5.60 4.72
C ALA A 361 21.91 5.22 4.05
N THR A 362 22.20 5.83 2.91
CA THR A 362 23.45 5.60 2.22
C THR A 362 23.91 6.85 1.49
N THR A 363 25.06 6.76 0.83
CA THR A 363 25.56 7.81 -0.06
C THR A 363 25.80 7.30 -1.46
N ARG A 364 25.83 5.98 -1.61
CA ARG A 364 26.01 5.36 -2.91
C ARG A 364 24.94 4.29 -3.13
N PHE A 365 24.31 4.33 -4.30
CA PHE A 365 23.23 3.42 -4.66
C PHE A 365 23.07 3.33 -6.17
N ILE A 366 22.30 2.34 -6.60
CA ILE A 366 21.97 2.14 -8.01
C ILE A 366 20.53 2.62 -8.26
N ALA A 367 20.20 2.92 -9.52
CA ALA A 367 18.87 3.45 -9.84
C ALA A 367 18.56 3.59 -11.35
N GLN A 368 17.34 3.18 -11.75
CA GLN A 368 16.83 3.44 -13.10
C GLN A 368 16.35 4.89 -13.22
N ILE A 369 16.73 5.56 -14.31
CA ILE A 369 16.39 6.96 -14.54
C ILE A 369 15.81 7.13 -15.95
N ALA A 370 15.17 8.27 -16.18
CA ALA A 370 14.60 8.60 -17.48
C ALA A 370 14.68 10.11 -17.68
N ILE A 371 15.47 10.54 -18.65
CA ILE A 371 15.66 11.98 -18.88
C ILE A 371 14.47 12.54 -19.66
N LEU A 372 14.07 13.76 -19.28
CA LEU A 372 12.87 14.41 -19.80
C LEU A 372 13.20 15.52 -20.83
N GLU A 373 14.24 16.32 -20.56
CA GLU A 373 14.59 17.44 -21.47
C GLU A 373 15.93 18.18 -21.19
N LEU A 374 16.91 17.52 -20.56
CA LEU A 374 18.17 18.17 -20.18
C LEU A 374 19.04 18.48 -21.43
N PRO A 375 19.89 19.52 -21.38
CA PRO A 375 20.82 19.83 -22.48
C PRO A 375 21.63 18.65 -23.08
N SER A 376 21.66 17.53 -22.36
CA SER A 376 22.04 16.19 -22.88
C SER A 376 23.52 16.03 -23.15
N ILE A 377 24.24 15.36 -22.26
CA ILE A 377 25.65 15.01 -22.49
C ILE A 377 26.38 14.34 -21.28
N LEU A 378 27.65 13.99 -21.52
CA LEU A 378 28.68 13.51 -20.54
C LEU A 378 28.31 12.54 -19.40
N THR A 379 29.09 11.47 -19.30
CA THR A 379 28.94 10.46 -18.24
C THR A 379 29.41 11.03 -16.91
N THR A 380 29.04 10.34 -15.83
CA THR A 380 29.52 10.70 -14.50
C THR A 380 29.26 12.18 -14.27
N GLY A 381 30.01 12.81 -13.36
CA GLY A 381 29.83 14.22 -13.05
C GLY A 381 28.36 14.59 -12.91
N TYR A 382 27.89 15.47 -13.78
CA TYR A 382 26.53 16.02 -13.72
C TYR A 382 25.92 16.03 -12.30
N SER A 383 25.79 17.23 -11.74
CA SER A 383 25.20 17.44 -10.41
C SER A 383 23.87 18.20 -10.49
N CYS A 384 22.86 17.69 -9.81
CA CYS A 384 21.52 18.30 -9.79
C CYS A 384 20.92 18.26 -8.36
N VAL A 385 19.60 18.21 -8.26
CA VAL A 385 18.92 18.10 -6.97
C VAL A 385 17.97 16.91 -7.07
N MET A 386 18.29 15.84 -6.35
CA MET A 386 17.40 14.69 -6.18
C MET A 386 16.34 15.05 -5.16
N HIS A 387 15.20 14.38 -5.29
CA HIS A 387 14.10 14.43 -4.31
C HIS A 387 13.56 13.01 -4.21
N ILE A 388 13.66 12.36 -3.06
CA ILE A 388 13.23 10.95 -2.91
C ILE A 388 11.92 10.78 -2.14
N HIS A 389 11.59 11.73 -1.27
CA HIS A 389 10.34 11.65 -0.55
C HIS A 389 10.04 12.93 0.23
N THR A 390 11.04 13.79 0.36
CA THR A 390 10.94 15.04 1.09
C THR A 390 12.37 15.55 1.43
N ALA A 391 13.37 14.73 1.12
CA ALA A 391 14.79 14.98 1.47
C ALA A 391 15.49 16.16 0.80
N VAL A 392 15.40 16.26 -0.52
CA VAL A 392 16.03 17.34 -1.28
C VAL A 392 17.56 17.29 -1.11
N GLU A 393 18.26 16.64 -2.04
CA GLU A 393 19.70 16.48 -1.89
C GLU A 393 20.51 16.51 -3.18
N GLU A 394 21.60 17.28 -3.15
CA GLU A 394 22.58 17.32 -4.23
C GLU A 394 23.10 15.91 -4.50
N VAL A 395 22.84 15.41 -5.71
CA VAL A 395 23.27 14.09 -6.14
C VAL A 395 24.12 14.22 -7.40
N SER A 396 25.08 13.30 -7.55
CA SER A 396 25.96 13.33 -8.70
C SER A 396 26.07 11.94 -9.31
N PHE A 397 26.03 11.87 -10.64
CA PHE A 397 26.28 10.63 -11.36
C PHE A 397 27.68 10.13 -11.02
N ALA A 398 27.86 8.81 -11.08
CA ALA A 398 29.14 8.22 -10.68
C ALA A 398 29.41 6.83 -11.27
N LYS A 399 28.88 6.57 -12.46
CA LYS A 399 29.16 5.32 -13.21
C LYS A 399 27.94 4.89 -14.05
N LEU A 400 27.72 5.60 -15.16
CA LEU A 400 26.72 5.20 -16.16
C LEU A 400 26.97 3.75 -16.56
N LEU A 401 26.22 2.83 -15.94
CA LEU A 401 26.42 1.41 -16.12
C LEU A 401 25.62 0.86 -17.32
N HIS A 402 24.30 1.01 -17.31
CA HIS A 402 23.45 0.48 -18.40
C HIS A 402 22.46 1.49 -18.94
N LYS A 403 22.12 1.31 -20.22
CA LYS A 403 21.04 2.02 -20.91
C LYS A 403 19.73 1.23 -20.85
N LEU A 404 18.68 1.72 -21.51
CA LEU A 404 17.39 1.02 -21.58
C LEU A 404 16.57 1.45 -22.81
N ASP A 405 15.54 0.65 -23.13
CA ASP A 405 14.72 0.87 -24.33
C ASP A 405 13.48 -0.07 -24.37
N LYS A 406 12.40 0.41 -24.99
CA LYS A 406 11.14 -0.34 -25.22
C LYS A 406 10.81 -1.43 -24.17
N THR A 407 11.42 -2.61 -24.36
CA THR A 407 11.25 -3.75 -23.45
C THR A 407 12.45 -3.87 -22.51
N ASN A 408 12.46 -3.06 -21.46
CA ASN A 408 13.57 -3.03 -20.49
C ASN A 408 14.50 -4.24 -20.64
N ARG A 409 15.53 -4.10 -21.45
CA ARG A 409 16.47 -5.18 -21.71
C ARG A 409 17.57 -5.18 -20.66
N LYS A 410 18.40 -4.13 -20.73
CA LYS A 410 19.60 -3.96 -19.92
C LYS A 410 20.55 -3.07 -20.75
N SER A 411 21.78 -3.52 -20.96
CA SER A 411 22.72 -2.87 -21.87
C SER A 411 24.03 -3.63 -21.92
N LYS A 412 24.58 -3.76 -23.12
CA LYS A 412 25.87 -4.41 -23.30
C LYS A 412 27.00 -3.39 -23.49
N LYS A 413 26.66 -2.19 -23.97
CA LYS A 413 27.63 -1.12 -24.15
C LYS A 413 27.34 0.07 -23.21
N PRO A 414 27.87 0.03 -21.98
CA PRO A 414 27.77 1.14 -21.03
C PRO A 414 28.03 2.51 -21.68
N PRO A 415 26.99 3.36 -21.81
CA PRO A 415 27.14 4.66 -22.46
C PRO A 415 28.21 5.53 -21.84
N MET A 416 28.71 6.47 -22.64
CA MET A 416 29.61 7.51 -22.16
C MET A 416 28.80 8.75 -21.81
N PHE A 417 27.49 8.72 -22.08
CA PHE A 417 26.58 9.81 -21.73
C PHE A 417 25.12 9.43 -22.02
N ALA A 418 24.22 10.29 -21.55
CA ALA A 418 22.79 10.09 -21.75
C ALA A 418 22.19 11.23 -22.55
N THR A 419 20.89 11.13 -22.86
CA THR A 419 20.18 12.21 -23.55
C THR A 419 18.67 12.17 -23.25
N LYS A 420 17.95 13.22 -23.63
CA LYS A 420 16.49 13.24 -23.52
C LYS A 420 15.90 11.99 -24.15
N GLY A 421 14.82 11.48 -23.55
CA GLY A 421 14.16 10.29 -24.04
C GLY A 421 14.98 9.03 -23.88
N MET A 422 16.03 9.11 -23.06
CA MET A 422 16.90 7.97 -22.79
C MET A 422 16.76 7.63 -21.31
N LYS A 423 16.33 6.40 -21.04
CA LYS A 423 16.22 5.89 -19.69
C LYS A 423 17.43 5.03 -19.45
N ILE A 424 18.09 5.21 -18.31
CA ILE A 424 19.30 4.47 -17.98
C ILE A 424 19.34 4.03 -16.51
N ILE A 425 20.39 3.29 -16.14
CA ILE A 425 20.67 2.93 -14.75
C ILE A 425 22.14 3.28 -14.44
N ALA A 426 22.41 3.76 -13.22
CA ALA A 426 23.75 4.25 -12.85
C ALA A 426 23.94 4.38 -11.34
N GLU A 427 25.19 4.29 -10.89
CA GLU A 427 25.54 4.53 -9.49
C GLU A 427 25.50 6.02 -9.19
N LEU A 428 24.59 6.44 -8.33
CA LEU A 428 24.55 7.84 -7.92
C LEU A 428 25.28 8.01 -6.60
N GLU A 429 25.55 9.26 -6.26
CA GLU A 429 26.39 9.60 -5.14
C GLU A 429 25.93 10.90 -4.48
N THR A 430 26.05 10.93 -3.16
CA THR A 430 25.74 12.12 -2.38
C THR A 430 26.84 12.33 -1.35
N GLN A 431 27.24 13.58 -1.15
CA GLN A 431 28.21 13.89 -0.12
C GLN A 431 27.63 13.53 1.25
N THR A 432 26.36 13.90 1.47
CA THR A 432 25.63 13.53 2.68
C THR A 432 24.80 12.27 2.46
N PRO A 433 24.64 11.48 3.51
CA PRO A 433 23.76 10.31 3.44
C PRO A 433 22.30 10.72 3.45
N VAL A 434 21.49 10.02 2.68
CA VAL A 434 20.05 10.26 2.65
C VAL A 434 19.33 8.94 2.94
N CYS A 435 18.25 9.03 3.67
CA CYS A 435 17.42 7.87 3.97
C CYS A 435 16.76 7.35 2.71
N MET A 436 16.88 6.06 2.43
CA MET A 436 16.13 5.48 1.33
C MET A 436 16.01 3.97 1.45
N GLU A 437 15.21 3.39 0.56
CA GLU A 437 15.06 1.94 0.40
C GLU A 437 14.82 1.62 -1.07
N ARG A 438 14.97 0.34 -1.42
CA ARG A 438 14.60 -0.17 -2.75
C ARG A 438 13.12 0.08 -2.97
N PHE A 439 12.76 0.74 -4.07
CA PHE A 439 11.35 0.88 -4.50
C PHE A 439 10.60 -0.44 -4.28
N GLU A 440 11.21 -1.51 -4.76
CA GLU A 440 10.73 -2.87 -4.57
C GLU A 440 10.15 -3.08 -3.16
N ASP A 441 10.95 -2.77 -2.14
CA ASP A 441 10.56 -2.93 -0.72
C ASP A 441 9.61 -1.83 -0.22
N TYR A 442 9.93 -0.59 -0.51
CA TYR A 442 9.14 0.53 -0.05
C TYR A 442 9.11 1.57 -1.13
N GLN A 443 8.13 1.44 -2.02
CA GLN A 443 8.00 2.31 -3.19
C GLN A 443 8.31 3.78 -2.93
N TYR A 444 7.54 4.40 -2.06
CA TYR A 444 7.68 5.83 -1.85
C TYR A 444 9.06 6.18 -1.26
N MET A 445 9.71 5.22 -0.62
CA MET A 445 11.07 5.41 -0.11
C MET A 445 12.13 5.25 -1.22
N GLY A 446 11.72 4.78 -2.40
CA GLY A 446 12.59 4.70 -3.55
C GLY A 446 12.02 5.34 -4.81
N ARG A 447 11.41 6.52 -4.67
CA ARG A 447 10.82 7.21 -5.81
C ARG A 447 11.34 8.64 -5.85
N PHE A 448 12.25 8.92 -6.77
CA PHE A 448 12.87 10.25 -6.86
C PHE A 448 12.77 10.97 -8.20
N THR A 449 12.99 12.28 -8.14
CA THR A 449 13.00 13.15 -9.31
C THR A 449 14.23 14.07 -9.27
N LEU A 450 14.94 14.15 -10.40
CA LEU A 450 16.07 15.07 -10.53
C LEU A 450 15.61 16.46 -11.00
N ARG A 451 16.40 17.47 -10.65
CA ARG A 451 16.07 18.87 -10.94
C ARG A 451 17.34 19.70 -11.23
N ASP A 452 17.50 20.13 -12.48
CA ASP A 452 18.59 21.03 -12.84
C ASP A 452 18.23 22.47 -12.46
N GLN A 453 18.70 22.90 -11.29
CA GLN A 453 18.64 24.28 -10.80
C GLN A 453 17.44 25.08 -11.34
N GLY A 454 16.26 24.73 -10.81
CA GLY A 454 15.00 25.28 -11.26
C GLY A 454 14.21 24.22 -12.01
N THR A 455 14.58 24.02 -13.28
CA THR A 455 13.88 23.10 -14.18
C THR A 455 13.99 21.63 -13.75
N THR A 456 13.14 20.78 -14.32
CA THR A 456 13.20 19.33 -14.13
C THR A 456 14.30 18.73 -15.04
N VAL A 457 14.42 17.39 -15.05
CA VAL A 457 15.40 16.74 -15.91
C VAL A 457 15.09 15.26 -16.12
N ALA A 458 14.99 14.52 -15.03
CA ALA A 458 14.74 13.09 -15.09
C ALA A 458 13.99 12.61 -13.84
N VAL A 459 13.65 11.33 -13.82
CA VAL A 459 12.99 10.71 -12.67
C VAL A 459 13.34 9.23 -12.59
N GLY A 460 13.42 8.70 -11.38
CA GLY A 460 13.86 7.34 -11.18
C GLY A 460 13.47 6.68 -9.88
N LYS A 461 13.76 5.38 -9.82
CA LYS A 461 13.62 4.59 -8.63
C LYS A 461 14.97 4.04 -8.20
N VAL A 462 15.15 3.78 -6.90
CA VAL A 462 16.37 3.10 -6.44
C VAL A 462 16.15 1.60 -6.49
N VAL A 463 17.17 0.86 -6.90
CA VAL A 463 17.10 -0.60 -7.01
C VAL A 463 17.97 -1.31 -5.98
N LYS A 464 19.13 -0.74 -5.64
CA LYS A 464 20.02 -1.38 -4.66
C LYS A 464 20.76 -0.38 -3.74
N ILE A 465 20.87 -0.74 -2.47
CA ILE A 465 21.59 0.05 -1.46
C ILE A 465 23.04 -0.45 -1.42
N LEU A 466 24.00 0.44 -1.70
CA LEU A 466 25.42 0.09 -1.64
C LEU A 466 26.03 0.39 -0.28
N ASP A 467 25.95 -0.62 0.61
CA ASP A 467 26.46 -0.57 2.00
C ASP A 467 26.09 0.71 2.78
#